data_8E5R
#
_entry.id   8E5R
#
_cell.length_a   140.889
_cell.length_b   39.668
_cell.length_c   53.839
_cell.angle_alpha   90.000
_cell.angle_beta   90.000
_cell.angle_gamma   90.000
#
_symmetry.space_group_name_H-M   'P 21 21 2'
#
loop_
_entity.id
_entity.type
_entity.pdbx_description
1 polymer 'Sulfotransferase oxamniquine resistance protein'
2 non-polymer [4-({[(3R)-1-[(1H-indol-3-yl)methyl]-3-{[4-(trifluoromethyl)phenyl]methyl}pyrrolidin-3-yl]methyl}amino)-3-nitrophenyl]methanol
3 non-polymer "ADENOSINE-3'-5'-DIPHOSPHATE"
4 water water
#
_entity_poly.entity_id   1
_entity_poly.type   'polypeptide(L)'
_entity_poly.pdbx_seq_one_letter_code
;GAMIESSTTIQVISAGLPRTGTKSLKNALEIIYHKPCYHMFEIIFNKQSDIIKWQNLIHDSHMITTPPPLTTKTIAIYDK
LKELLDGYIATTDLPTCGFYKDLMNIYPNAKVLLTIRDKYDWLHSLRKVVLPKSNDPWKLKIEEGDKVLGLNSDFYKLTE
DSLKFAFQKDDLNFDDDQVLLECYDEYNRLVQETVPSDRLLVLRLGDGWEPLCKFLNVEIPNGIDYP(CAS)VNSHHQMT
QLTEQLIKYKSLDAIIHMFPDLI
;
_entity_poly.pdbx_strand_id   A
#
loop_
_chem_comp.id
_chem_comp.type
_chem_comp.name
_chem_comp.formula
A3P RNA linking ADENOSINE-3'-5'-DIPHOSPHATE 'C10 H15 N5 O10 P2'
ULX non-polymer [4-({[(3R)-1-[(1H-indol-3-yl)methyl]-3-{[4-(trifluoromethyl)phenyl]methyl}pyrrolidin-3-yl]methyl}amino)-3-nitrophenyl]methanol 'C29 H31 F3 N4 O3'
#
# COMPACT_ATOMS: atom_id res chain seq x y z
N GLY A 1 -4.60 -6.14 -29.00
CA GLY A 1 -4.83 -7.52 -28.64
C GLY A 1 -6.30 -7.85 -28.47
N ALA A 2 -6.59 -9.13 -28.33
CA ALA A 2 -7.95 -9.58 -28.06
C ALA A 2 -8.35 -9.26 -26.64
N MET A 3 -9.65 -9.12 -26.43
CA MET A 3 -10.21 -8.88 -25.10
C MET A 3 -10.53 -10.26 -24.52
N ILE A 4 -10.08 -10.52 -23.28
CA ILE A 4 -10.28 -11.79 -22.62
C ILE A 4 -10.95 -11.54 -21.26
N GLU A 5 -11.62 -12.56 -20.75
CA GLU A 5 -12.41 -12.40 -19.52
C GLU A 5 -11.55 -12.74 -18.31
N SER A 6 -11.14 -11.71 -17.57
CA SER A 6 -10.23 -11.87 -16.45
C SER A 6 -11.00 -12.24 -15.18
N SER A 7 -10.40 -13.10 -14.37
CA SER A 7 -10.97 -13.50 -13.08
C SER A 7 -10.86 -12.39 -12.04
N THR A 8 -11.95 -12.15 -11.29
CA THR A 8 -11.93 -11.16 -10.22
C THR A 8 -11.40 -11.80 -8.94
N THR A 9 -10.07 -11.87 -8.87
CA THR A 9 -9.35 -12.38 -7.72
C THR A 9 -8.00 -11.67 -7.73
N ILE A 10 -7.27 -11.76 -6.63
CA ILE A 10 -5.98 -11.07 -6.57
C ILE A 10 -5.05 -11.67 -7.60
N GLN A 11 -4.62 -10.84 -8.56
CA GLN A 11 -3.70 -11.28 -9.61
C GLN A 11 -2.32 -10.66 -9.47
N VAL A 12 -2.20 -9.60 -8.68
CA VAL A 12 -0.97 -8.85 -8.50
C VAL A 12 -0.86 -8.48 -7.03
N ILE A 13 0.25 -8.87 -6.39
CA ILE A 13 0.56 -8.48 -5.01
C ILE A 13 1.72 -7.51 -5.08
N SER A 14 1.49 -6.24 -4.69
CA SER A 14 2.57 -5.26 -4.65
C SER A 14 3.13 -5.13 -3.24
N ALA A 15 4.39 -5.49 -3.08
CA ALA A 15 5.08 -5.45 -1.80
C ALA A 15 5.72 -4.10 -1.51
N GLY A 16 5.64 -3.14 -2.42
CA GLY A 16 6.30 -1.86 -2.21
C GLY A 16 5.73 -1.10 -1.01
N LEU A 17 6.62 -0.40 -0.32
CA LEU A 17 6.23 0.35 0.88
C LEU A 17 5.55 1.67 0.52
N PRO A 18 4.83 2.28 1.46
CA PRO A 18 4.20 3.58 1.17
C PRO A 18 5.23 4.58 0.70
N ARG A 19 4.80 5.47 -0.19
CA ARG A 19 5.65 6.53 -0.78
C ARG A 19 6.64 6.00 -1.82
N THR A 20 6.32 4.87 -2.44
CA THR A 20 7.12 4.32 -3.54
C THR A 20 6.34 4.25 -4.83
N GLY A 21 5.32 5.09 -5.00
CA GLY A 21 4.46 5.01 -6.16
C GLY A 21 3.29 4.06 -6.06
N THR A 22 2.83 3.72 -4.84
CA THR A 22 1.75 2.75 -4.69
C THR A 22 0.42 3.26 -5.26
N LYS A 23 0.12 4.56 -5.10
CA LYS A 23 -1.15 5.04 -5.61
C LYS A 23 -1.18 5.07 -7.13
N SER A 24 -0.09 5.52 -7.75
CA SER A 24 0.01 5.45 -9.20
C SER A 24 -0.16 4.01 -9.68
N LEU A 25 0.47 3.06 -8.99
CA LEU A 25 0.36 1.65 -9.36
C LEU A 25 -1.06 1.14 -9.18
N LYS A 26 -1.70 1.49 -8.06
CA LYS A 26 -3.11 1.19 -7.89
C LYS A 26 -3.94 1.68 -9.07
N ASN A 27 -3.72 2.94 -9.48
CA ASN A 27 -4.49 3.47 -10.59
C ASN A 27 -4.16 2.73 -11.88
N ALA A 28 -2.87 2.41 -12.07
CA ALA A 28 -2.45 1.68 -13.27
C ALA A 28 -3.09 0.30 -13.34
N LEU A 29 -3.12 -0.41 -12.21
CA LEU A 29 -3.71 -1.75 -12.20
C LEU A 29 -5.21 -1.68 -12.45
N GLU A 30 -5.88 -0.65 -11.94
CA GLU A 30 -7.30 -0.48 -12.22
C GLU A 30 -7.53 -0.16 -13.70
N ILE A 31 -6.62 0.59 -14.33
CA ILE A 31 -6.73 0.85 -15.77
C ILE A 31 -6.61 -0.44 -16.57
N ILE A 32 -5.69 -1.33 -16.16
CA ILE A 32 -5.48 -2.58 -16.89
C ILE A 32 -6.65 -3.53 -16.69
N TYR A 33 -7.07 -3.73 -15.44
CA TYR A 33 -7.95 -4.82 -15.07
C TYR A 33 -9.42 -4.42 -14.93
N HIS A 34 -9.72 -3.13 -14.83
CA HIS A 34 -11.11 -2.65 -14.75
C HIS A 34 -11.84 -3.18 -13.53
N LYS A 35 -11.10 -3.46 -12.46
CA LYS A 35 -11.64 -3.90 -11.18
C LYS A 35 -10.78 -3.26 -10.10
N PRO A 36 -11.29 -3.16 -8.88
CA PRO A 36 -10.59 -2.35 -7.87
C PRO A 36 -9.31 -2.99 -7.36
N CYS A 37 -8.37 -2.12 -6.98
CA CYS A 37 -7.11 -2.52 -6.37
C CYS A 37 -7.11 -1.98 -4.94
N TYR A 38 -6.64 -2.78 -3.99
CA TYR A 38 -6.64 -2.36 -2.60
C TYR A 38 -5.47 -1.41 -2.36
N HIS A 39 -5.64 -0.50 -1.41
CA HIS A 39 -4.68 0.55 -1.12
C HIS A 39 -5.18 1.19 0.17
N MET A 40 -4.28 1.88 0.88
CA MET A 40 -4.76 2.58 2.08
C MET A 40 -5.88 3.55 1.74
N PHE A 41 -5.83 4.14 0.55
CA PHE A 41 -6.90 5.06 0.16
C PHE A 41 -8.24 4.34 0.04
N GLU A 42 -8.21 3.04 -0.25
CA GLU A 42 -9.47 2.30 -0.25
C GLU A 42 -10.07 2.27 1.15
N ILE A 43 -9.23 2.07 2.16
CA ILE A 43 -9.71 2.11 3.54
C ILE A 43 -10.25 3.50 3.87
N ILE A 44 -9.48 4.55 3.58
CA ILE A 44 -9.86 5.89 4.02
C ILE A 44 -11.17 6.33 3.38
N PHE A 45 -11.32 6.09 2.08
CA PHE A 45 -12.43 6.67 1.35
C PHE A 45 -13.61 5.73 1.15
N ASN A 46 -13.43 4.42 1.34
CA ASN A 46 -14.53 3.48 1.02
C ASN A 46 -14.73 2.41 2.09
N LYS A 47 -13.71 2.07 2.87
CA LYS A 47 -13.84 0.92 3.81
C LYS A 47 -13.25 1.22 5.19
N GLN A 48 -13.70 2.30 5.83
CA GLN A 48 -13.20 2.64 7.20
C GLN A 48 -13.63 1.55 8.19
N SER A 49 -14.69 0.80 7.87
CA SER A 49 -15.13 -0.32 8.73
C SER A 49 -14.07 -1.43 8.76
N ASP A 50 -13.16 -1.45 7.79
CA ASP A 50 -12.12 -2.51 7.70
C ASP A 50 -10.98 -2.25 8.67
N ILE A 51 -10.86 -1.01 9.17
CA ILE A 51 -9.72 -0.66 10.06
C ILE A 51 -9.64 -1.69 11.19
N ILE A 52 -10.75 -1.91 11.90
CA ILE A 52 -10.69 -2.86 13.01
C ILE A 52 -10.39 -4.27 12.54
N LYS A 53 -10.84 -4.64 11.34
CA LYS A 53 -10.55 -5.97 10.83
C LYS A 53 -9.06 -6.14 10.53
N TRP A 54 -8.44 -5.14 9.91
CA TRP A 54 -7.00 -5.18 9.68
C TRP A 54 -6.23 -5.19 11.00
N GLN A 55 -6.69 -4.39 11.97
CA GLN A 55 -6.05 -4.38 13.28
C GLN A 55 -6.14 -5.76 13.92
N ASN A 56 -7.33 -6.39 13.87
CA ASN A 56 -7.47 -7.73 14.42
C ASN A 56 -6.54 -8.70 13.73
N LEU A 57 -6.39 -8.57 12.40
CA LEU A 57 -5.55 -9.50 11.65
C LEU A 57 -4.09 -9.33 12.04
N ILE A 58 -3.63 -8.10 12.16
CA ILE A 58 -2.25 -7.86 12.58
C ILE A 58 -2.02 -8.39 13.99
N HIS A 59 -3.00 -8.19 14.88
CA HIS A 59 -2.90 -8.69 16.25
C HIS A 59 -2.68 -10.21 16.28
N ASP A 60 -3.35 -10.93 15.37
CA ASP A 60 -3.22 -12.39 15.34
C ASP A 60 -2.04 -12.87 14.49
N SER A 61 -1.41 -11.98 13.71
N SER A 61 -1.41 -12.00 13.71
CA SER A 61 -0.49 -12.38 12.66
CA SER A 61 -0.51 -12.46 12.65
C SER A 61 0.76 -13.09 13.18
C SER A 61 0.80 -13.06 13.17
N HIS A 62 1.15 -12.84 14.44
CA HIS A 62 2.31 -13.53 14.99
C HIS A 62 2.12 -15.04 15.04
N MET A 63 0.87 -15.51 15.03
CA MET A 63 0.55 -16.94 15.02
C MET A 63 0.67 -17.58 13.64
N ILE A 64 1.09 -16.84 12.63
CA ILE A 64 1.27 -17.40 11.30
C ILE A 64 2.54 -18.24 11.30
N THR A 65 2.38 -19.56 11.24
CA THR A 65 3.49 -20.46 10.98
C THR A 65 3.60 -20.58 9.45
N THR A 66 4.73 -20.12 8.92
CA THR A 66 4.94 -20.03 7.44
C THR A 66 4.74 -21.38 6.73
N PRO A 67 3.77 -21.47 5.80
CA PRO A 67 3.60 -22.68 4.98
C PRO A 67 4.74 -22.73 3.95
N PRO A 68 5.11 -23.91 3.40
CA PRO A 68 4.49 -25.19 3.75
C PRO A 68 4.91 -25.73 5.13
N PRO A 69 4.08 -26.59 5.79
CA PRO A 69 2.67 -26.77 5.43
C PRO A 69 1.70 -25.82 6.15
N LEU A 70 0.40 -25.95 5.88
CA LEU A 70 -0.61 -25.02 6.47
C LEU A 70 -1.14 -25.57 7.79
N THR A 71 -1.07 -24.77 8.86
CA THR A 71 -1.64 -25.18 10.17
C THR A 71 -3.06 -24.61 10.32
N THR A 72 -3.78 -25.00 11.38
CA THR A 72 -5.19 -24.57 11.59
C THR A 72 -5.29 -23.06 11.81
N LYS A 73 -4.48 -22.50 12.71
CA LYS A 73 -4.58 -21.05 13.03
C LYS A 73 -4.29 -20.25 11.76
N THR A 74 -3.33 -20.70 10.96
CA THR A 74 -2.98 -19.99 9.70
C THR A 74 -4.20 -19.96 8.78
N ILE A 75 -5.01 -21.03 8.72
CA ILE A 75 -6.21 -21.02 7.90
C ILE A 75 -7.18 -19.93 8.34
N ALA A 76 -7.37 -19.78 9.65
CA ALA A 76 -8.29 -18.75 10.13
C ALA A 76 -7.80 -17.36 9.76
N ILE A 77 -6.49 -17.14 9.87
CA ILE A 77 -5.92 -15.85 9.48
C ILE A 77 -6.05 -15.66 7.97
N TYR A 78 -5.69 -16.69 7.20
CA TYR A 78 -5.77 -16.59 5.74
C TYR A 78 -7.20 -16.37 5.29
N ASP A 79 -8.17 -16.98 5.98
CA ASP A 79 -9.58 -16.78 5.61
C ASP A 79 -10.01 -15.33 5.80
N LYS A 80 -9.57 -14.69 6.88
CA LYS A 80 -9.96 -13.29 7.08
C LYS A 80 -9.28 -12.38 6.08
N LEU A 81 -8.04 -12.69 5.70
CA LEU A 81 -7.37 -11.90 4.70
C LEU A 81 -8.02 -12.05 3.33
N LYS A 82 -8.41 -13.28 2.98
CA LYS A 82 -9.17 -13.48 1.75
C LYS A 82 -10.50 -12.74 1.79
N GLU A 83 -11.20 -12.74 2.94
CA GLU A 83 -12.45 -12.01 3.05
C GLU A 83 -12.24 -10.51 2.84
N LEU A 84 -11.17 -9.95 3.43
CA LEU A 84 -10.92 -8.52 3.29
C LEU A 84 -10.70 -8.13 1.84
N LEU A 85 -10.11 -9.04 1.06
CA LEU A 85 -9.70 -8.73 -0.31
C LEU A 85 -10.69 -9.21 -1.35
N ASP A 86 -11.85 -9.71 -0.92
CA ASP A 86 -12.84 -10.19 -1.87
C ASP A 86 -13.29 -9.07 -2.79
N GLY A 87 -13.31 -9.33 -4.09
CA GLY A 87 -13.75 -8.33 -5.08
C GLY A 87 -12.61 -7.51 -5.66
N TYR A 88 -11.40 -7.68 -5.14
CA TYR A 88 -10.24 -6.89 -5.60
C TYR A 88 -9.35 -7.74 -6.51
N ILE A 89 -8.62 -7.08 -7.41
CA ILE A 89 -7.76 -7.81 -8.38
C ILE A 89 -6.28 -7.61 -8.01
N ALA A 90 -6.00 -6.76 -7.02
CA ALA A 90 -4.60 -6.49 -6.64
C ALA A 90 -4.51 -5.82 -5.27
N THR A 91 -3.32 -5.88 -4.68
CA THR A 91 -3.05 -5.22 -3.41
C THR A 91 -1.84 -4.31 -3.56
N THR A 92 -1.92 -3.12 -2.95
CA THR A 92 -0.80 -2.20 -2.84
C THR A 92 -0.85 -1.58 -1.46
N ASP A 93 0.30 -1.10 -1.00
CA ASP A 93 0.41 -0.16 0.12
C ASP A 93 0.16 -0.85 1.46
N LEU A 94 0.36 -0.12 2.55
CA LEU A 94 -0.12 -0.60 3.83
C LEU A 94 -1.64 -0.66 3.78
N PRO A 95 -2.27 -1.58 4.54
CA PRO A 95 -1.64 -2.55 5.45
C PRO A 95 -1.25 -3.84 4.76
N THR A 96 -1.55 -4.00 3.46
CA THR A 96 -1.36 -5.30 2.84
C THR A 96 0.11 -5.63 2.59
N CYS A 97 0.97 -4.63 2.35
CA CYS A 97 2.27 -4.96 1.78
C CYS A 97 3.09 -5.91 2.64
N GLY A 98 3.02 -5.78 3.98
CA GLY A 98 3.75 -6.69 4.84
C GLY A 98 3.26 -8.12 4.81
N PHE A 99 2.07 -8.35 4.28
CA PHE A 99 1.50 -9.69 4.14
C PHE A 99 1.88 -10.36 2.83
N TYR A 100 2.86 -9.84 2.10
CA TYR A 100 3.17 -10.37 0.74
C TYR A 100 3.36 -11.90 0.73
N LYS A 101 4.09 -12.45 1.69
CA LYS A 101 4.39 -13.90 1.70
C LYS A 101 3.10 -14.70 1.90
N ASP A 102 2.24 -14.22 2.79
CA ASP A 102 0.96 -14.91 3.06
C ASP A 102 0.05 -14.81 1.83
N LEU A 103 0.00 -13.65 1.20
CA LEU A 103 -0.83 -13.46 0.00
C LEU A 103 -0.32 -14.38 -1.13
N MET A 104 0.98 -14.57 -1.22
CA MET A 104 1.52 -15.48 -2.23
C MET A 104 1.00 -16.90 -2.01
N ASN A 105 0.78 -17.30 -0.76
CA ASN A 105 0.25 -18.63 -0.47
C ASN A 105 -1.25 -18.70 -0.76
N ILE A 106 -1.98 -17.63 -0.45
CA ILE A 106 -3.43 -17.61 -0.61
C ILE A 106 -3.80 -17.53 -2.09
N TYR A 107 -3.00 -16.79 -2.87
CA TYR A 107 -3.22 -16.58 -4.29
C TYR A 107 -2.00 -17.10 -5.01
N PRO A 108 -1.90 -18.42 -5.19
CA PRO A 108 -0.67 -19.01 -5.75
C PRO A 108 -0.43 -18.63 -7.20
N ASN A 109 -1.42 -18.11 -7.91
CA ASN A 109 -1.29 -17.70 -9.29
C ASN A 109 -1.11 -16.20 -9.46
N ALA A 110 -0.94 -15.48 -8.35
CA ALA A 110 -0.69 -14.05 -8.39
C ALA A 110 0.80 -13.80 -8.55
N LYS A 111 1.12 -12.71 -9.25
CA LYS A 111 2.49 -12.25 -9.43
C LYS A 111 2.76 -11.09 -8.47
N VAL A 112 4.05 -10.87 -8.19
CA VAL A 112 4.47 -9.94 -7.15
C VAL A 112 5.25 -8.78 -7.77
N LEU A 113 4.96 -7.56 -7.30
CA LEU A 113 5.67 -6.36 -7.70
C LEU A 113 6.37 -5.79 -6.47
N LEU A 114 7.52 -5.17 -6.70
CA LEU A 114 8.19 -4.40 -5.64
C LEU A 114 8.60 -3.07 -6.25
N THR A 115 7.97 -1.99 -5.79
CA THR A 115 8.37 -0.64 -6.13
C THR A 115 9.45 -0.13 -5.18
N ILE A 116 10.52 0.40 -5.74
N ILE A 116 10.50 0.46 -5.74
CA ILE A 116 11.64 0.91 -4.95
CA ILE A 116 11.66 0.89 -4.96
C ILE A 116 12.00 2.30 -5.45
C ILE A 116 12.17 2.22 -5.48
N ARG A 117 12.68 3.04 -4.58
CA ARG A 117 13.23 4.35 -4.93
C ARG A 117 14.41 4.66 -4.02
N ASP A 118 15.10 5.76 -4.34
CA ASP A 118 16.14 6.32 -3.46
C ASP A 118 15.65 6.43 -2.02
N LYS A 119 16.45 5.91 -1.09
CA LYS A 119 16.01 5.82 0.31
C LYS A 119 15.84 7.18 0.98
N TYR A 120 16.64 8.17 0.64
CA TYR A 120 16.47 9.49 1.25
C TYR A 120 15.27 10.21 0.66
N ASP A 121 15.04 10.07 -0.64
CA ASP A 121 13.80 10.57 -1.24
C ASP A 121 12.58 9.94 -0.57
N TRP A 122 12.65 8.62 -0.33
CA TRP A 122 11.56 7.93 0.34
C TRP A 122 11.34 8.50 1.73
N LEU A 123 12.42 8.64 2.52
CA LEU A 123 12.27 9.13 3.88
C LEU A 123 11.69 10.53 3.90
N HIS A 124 12.17 11.41 3.00
CA HIS A 124 11.66 12.78 2.92
C HIS A 124 10.17 12.77 2.65
N SER A 125 9.73 11.93 1.71
CA SER A 125 8.32 11.83 1.35
C SER A 125 7.52 11.27 2.52
N LEU A 126 8.05 10.24 3.16
CA LEU A 126 7.38 9.64 4.32
C LEU A 126 7.17 10.68 5.43
N ARG A 127 8.17 11.50 5.68
CA ARG A 127 8.10 12.48 6.80
C ARG A 127 7.08 13.59 6.47
N LYS A 128 6.82 13.83 5.20
CA LYS A 128 5.91 14.94 4.81
C LYS A 128 4.46 14.45 4.77
N VAL A 129 4.23 13.13 4.73
CA VAL A 129 2.84 12.65 4.49
C VAL A 129 2.39 11.57 5.48
N VAL A 130 3.25 10.60 5.80
CA VAL A 130 2.81 9.43 6.54
C VAL A 130 3.23 9.48 8.01
N LEU A 131 4.48 9.86 8.27
CA LEU A 131 5.08 9.75 9.60
C LEU A 131 5.90 10.99 9.90
N PRO A 132 5.26 12.15 10.01
CA PRO A 132 6.01 13.34 10.44
C PRO A 132 6.59 13.13 11.83
N LYS A 133 7.74 13.72 12.08
CA LYS A 133 8.33 13.64 13.41
C LYS A 133 7.43 14.33 14.42
N SER A 134 7.47 13.83 15.66
N SER A 134 7.50 13.84 15.67
CA SER A 134 6.54 14.30 16.67
CA SER A 134 6.58 14.28 16.72
C SER A 134 6.64 15.81 16.89
C SER A 134 6.73 15.74 17.10
N ASN A 135 7.83 16.38 16.72
CA ASN A 135 8.04 17.80 16.96
C ASN A 135 7.86 18.66 15.71
N ASP A 136 7.47 18.07 14.60
CA ASP A 136 7.26 18.81 13.37
C ASP A 136 5.91 19.51 13.44
N PRO A 137 5.87 20.85 13.33
CA PRO A 137 4.57 21.54 13.36
C PRO A 137 3.61 21.07 12.28
N TRP A 138 4.13 20.58 11.16
CA TRP A 138 3.26 20.07 10.09
C TRP A 138 2.41 18.89 10.56
N LYS A 139 2.90 18.12 11.54
CA LYS A 139 2.12 17.00 12.06
C LYS A 139 0.75 17.45 12.55
N LEU A 140 0.68 18.61 13.19
CA LEU A 140 -0.62 19.09 13.67
C LEU A 140 -1.55 19.43 12.52
N LYS A 141 -1.08 19.91 11.46
CA LYS A 141 -1.87 20.11 10.26
C LYS A 141 -2.35 18.78 9.70
N ILE A 142 -1.52 17.89 9.49
CA ILE A 142 -1.97 16.60 8.97
C ILE A 142 -3.10 16.06 9.83
N GLU A 143 -2.94 16.15 11.16
CA GLU A 143 -3.94 15.60 12.06
C GLU A 143 -5.26 16.34 11.96
N GLU A 144 -5.20 17.67 11.76
CA GLU A 144 -6.42 18.44 11.61
C GLU A 144 -7.15 18.04 10.33
N GLY A 145 -6.41 17.88 9.23
CA GLY A 145 -7.04 17.44 7.99
C GLY A 145 -7.57 16.02 8.11
N ASP A 146 -6.86 15.16 8.83
CA ASP A 146 -7.29 13.77 8.99
C ASP A 146 -8.62 13.69 9.73
N LYS A 147 -8.84 14.55 10.73
CA LYS A 147 -10.11 14.54 11.45
C LYS A 147 -11.26 14.87 10.51
N VAL A 148 -11.03 15.76 9.54
CA VAL A 148 -12.06 16.09 8.55
C VAL A 148 -12.50 14.83 7.80
N LEU A 149 -11.55 13.92 7.53
CA LEU A 149 -11.83 12.65 6.84
C LEU A 149 -12.41 11.58 7.75
N GLY A 150 -12.59 11.87 9.04
CA GLY A 150 -13.10 10.89 9.98
C GLY A 150 -12.07 9.96 10.55
N LEU A 151 -10.78 10.25 10.36
CA LEU A 151 -9.71 9.38 10.83
C LEU A 151 -9.33 9.72 12.26
N ASN A 152 -9.34 8.71 13.13
CA ASN A 152 -9.08 8.89 14.56
C ASN A 152 -7.81 8.13 14.95
N SER A 153 -7.58 7.99 16.27
CA SER A 153 -6.35 7.37 16.74
C SER A 153 -6.23 5.92 16.29
N ASP A 154 -7.36 5.25 16.03
CA ASP A 154 -7.30 3.87 15.55
C ASP A 154 -6.69 3.78 14.16
N PHE A 155 -6.94 4.77 13.32
CA PHE A 155 -6.28 4.81 12.02
C PHE A 155 -4.77 4.95 12.17
N TYR A 156 -4.31 5.83 13.06
CA TYR A 156 -2.87 5.99 13.25
C TYR A 156 -2.26 4.72 13.81
N LYS A 157 -2.99 4.03 14.68
CA LYS A 157 -2.54 2.76 15.21
C LYS A 157 -2.36 1.74 14.09
N LEU A 158 -3.31 1.68 13.15
CA LEU A 158 -3.19 0.74 12.05
C LEU A 158 -1.96 1.04 11.19
N THR A 159 -1.72 2.32 10.90
CA THR A 159 -0.53 2.66 10.11
C THR A 159 0.74 2.22 10.85
N GLU A 160 0.82 2.53 12.15
CA GLU A 160 1.99 2.17 12.93
C GLU A 160 2.16 0.66 13.01
N ASP A 161 1.07 -0.05 13.31
CA ASP A 161 1.18 -1.49 13.48
C ASP A 161 1.45 -2.21 12.16
N SER A 162 0.89 -1.71 11.06
CA SER A 162 1.16 -2.39 9.81
C SER A 162 2.58 -2.10 9.32
N LEU A 163 3.13 -0.94 9.69
CA LEU A 163 4.53 -0.70 9.37
C LEU A 163 5.43 -1.60 10.22
N LYS A 164 5.11 -1.73 11.52
CA LYS A 164 5.88 -2.62 12.37
C LYS A 164 5.80 -4.06 11.85
N PHE A 165 4.64 -4.46 11.36
CA PHE A 165 4.49 -5.81 10.82
C PHE A 165 5.33 -5.99 9.55
N ALA A 166 5.29 -5.01 8.65
CA ALA A 166 6.09 -5.10 7.43
C ALA A 166 7.58 -5.19 7.75
N PHE A 167 8.04 -4.40 8.73
CA PHE A 167 9.44 -4.40 9.13
C PHE A 167 9.78 -5.52 10.12
N GLN A 168 8.79 -6.29 10.57
CA GLN A 168 8.99 -7.37 11.54
C GLN A 168 9.70 -6.87 12.80
N LYS A 169 9.19 -5.76 13.34
CA LYS A 169 9.69 -5.17 14.58
C LYS A 169 8.61 -5.22 15.65
N ASP A 170 9.00 -5.58 16.87
CA ASP A 170 8.06 -5.57 18.00
C ASP A 170 7.73 -4.15 18.42
N ASP A 171 8.71 -3.26 18.38
CA ASP A 171 8.47 -1.83 18.52
C ASP A 171 9.44 -1.10 17.61
N LEU A 172 9.18 0.19 17.43
CA LEU A 172 9.86 0.95 16.40
C LEU A 172 9.91 2.39 16.88
N ASN A 173 11.08 2.99 16.87
CA ASN A 173 11.21 4.41 17.20
C ASN A 173 10.87 5.19 15.94
N PHE A 174 9.60 5.60 15.82
CA PHE A 174 9.14 6.23 14.59
C PHE A 174 9.85 7.54 14.30
N ASP A 175 10.40 8.21 15.32
CA ASP A 175 11.08 9.48 15.12
C ASP A 175 12.55 9.33 14.74
N ASP A 176 13.04 8.10 14.52
CA ASP A 176 14.47 7.84 14.30
C ASP A 176 14.70 7.56 12.82
N ASP A 177 15.24 8.55 12.09
CA ASP A 177 15.49 8.39 10.66
C ASP A 177 16.41 7.20 10.37
N GLN A 178 17.46 7.01 11.18
CA GLN A 178 18.39 5.91 10.91
C GLN A 178 17.69 4.56 10.95
N VAL A 179 16.83 4.37 11.95
CA VAL A 179 16.05 3.13 12.06
C VAL A 179 15.16 2.93 10.84
N LEU A 180 14.45 3.98 10.42
CA LEU A 180 13.56 3.86 9.27
C LEU A 180 14.33 3.53 8.00
N LEU A 181 15.47 4.19 7.78
CA LEU A 181 16.25 3.93 6.59
C LEU A 181 16.76 2.50 6.57
N GLU A 182 17.23 2.00 7.71
CA GLU A 182 17.73 0.64 7.76
C GLU A 182 16.60 -0.36 7.55
N CYS A 183 15.43 -0.10 8.13
CA CYS A 183 14.29 -0.98 7.91
C CYS A 183 13.88 -1.00 6.44
N TYR A 184 13.93 0.16 5.78
CA TYR A 184 13.56 0.24 4.37
C TYR A 184 14.48 -0.63 3.51
N ASP A 185 15.79 -0.47 3.68
CA ASP A 185 16.73 -1.27 2.90
C ASP A 185 16.57 -2.76 3.19
N GLU A 186 16.39 -3.12 4.47
CA GLU A 186 16.30 -4.54 4.81
C GLU A 186 15.01 -5.12 4.25
N TYR A 187 13.92 -4.35 4.29
CA TYR A 187 12.65 -4.83 3.74
C TYR A 187 12.77 -5.12 2.25
N ASN A 188 13.31 -4.17 1.49
CA ASN A 188 13.38 -4.36 0.04
C ASN A 188 14.33 -5.50 -0.30
N ARG A 189 15.42 -5.64 0.46
CA ARG A 189 16.32 -6.77 0.25
C ARG A 189 15.62 -8.08 0.52
N LEU A 190 14.82 -8.13 1.59
CA LEU A 190 14.17 -9.37 1.99
C LEU A 190 13.14 -9.81 0.96
N VAL A 191 12.40 -8.86 0.37
CA VAL A 191 11.43 -9.23 -0.67
C VAL A 191 12.14 -9.92 -1.83
N GLN A 192 13.27 -9.36 -2.26
CA GLN A 192 13.98 -9.93 -3.40
C GLN A 192 14.63 -11.27 -3.06
N GLU A 193 14.96 -11.51 -1.79
CA GLU A 193 15.49 -12.81 -1.40
C GLU A 193 14.38 -13.84 -1.25
N THR A 194 13.17 -13.40 -0.90
CA THR A 194 12.08 -14.31 -0.57
C THR A 194 11.27 -14.74 -1.78
N VAL A 195 10.97 -13.80 -2.68
CA VAL A 195 10.09 -14.10 -3.81
C VAL A 195 10.94 -14.67 -4.95
N PRO A 196 10.57 -15.82 -5.52
CA PRO A 196 11.30 -16.32 -6.68
C PRO A 196 11.31 -15.28 -7.79
N SER A 197 12.47 -15.14 -8.46
CA SER A 197 12.62 -14.10 -9.46
C SER A 197 11.61 -14.25 -10.59
N ASP A 198 11.22 -15.49 -10.91
CA ASP A 198 10.20 -15.69 -11.93
C ASP A 198 8.87 -15.02 -11.55
N ARG A 199 8.65 -14.79 -10.26
CA ARG A 199 7.36 -14.29 -9.80
C ARG A 199 7.43 -12.81 -9.40
N LEU A 200 8.57 -12.16 -9.57
CA LEU A 200 8.79 -10.81 -9.06
C LEU A 200 9.19 -9.87 -10.18
N LEU A 201 8.62 -8.68 -10.18
CA LEU A 201 9.07 -7.57 -11.01
C LEU A 201 9.43 -6.40 -10.09
N VAL A 202 10.67 -5.96 -10.15
CA VAL A 202 11.11 -4.79 -9.39
C VAL A 202 10.91 -3.57 -10.27
N LEU A 203 10.14 -2.60 -9.78
CA LEU A 203 9.83 -1.38 -10.51
C LEU A 203 10.48 -0.18 -9.84
N ARG A 204 11.07 0.68 -10.64
CA ARG A 204 11.56 1.97 -10.15
C ARG A 204 10.59 3.06 -10.60
N LEU A 205 10.47 4.11 -9.79
CA LEU A 205 9.64 5.24 -10.20
C LEU A 205 10.08 5.75 -11.57
N GLY A 206 9.10 5.96 -12.44
CA GLY A 206 9.36 6.40 -13.80
C GLY A 206 9.44 5.30 -14.83
N ASP A 207 9.35 4.03 -14.43
CA ASP A 207 9.48 2.93 -15.38
C ASP A 207 8.31 2.89 -16.36
N GLY A 208 7.12 3.35 -15.93
CA GLY A 208 5.98 3.44 -16.82
C GLY A 208 5.35 2.08 -17.10
N TRP A 209 4.61 2.04 -18.22
CA TRP A 209 3.77 0.87 -18.51
C TRP A 209 4.59 -0.35 -18.94
N GLU A 210 5.64 -0.14 -19.74
CA GLU A 210 6.14 -1.25 -20.57
C GLU A 210 6.61 -2.46 -19.77
N PRO A 211 7.46 -2.33 -18.75
CA PRO A 211 7.86 -3.54 -18.00
C PRO A 211 6.70 -4.19 -17.25
N LEU A 212 5.80 -3.38 -16.69
CA LEU A 212 4.64 -3.90 -15.99
C LEU A 212 3.75 -4.72 -16.93
N CYS A 213 3.42 -4.15 -18.08
CA CYS A 213 2.47 -4.82 -18.98
C CYS A 213 3.08 -6.09 -19.56
N LYS A 214 4.38 -6.08 -19.84
CA LYS A 214 5.03 -7.31 -20.32
C LYS A 214 4.96 -8.40 -19.28
N PHE A 215 5.20 -8.04 -18.01
CA PHE A 215 5.17 -8.99 -16.92
C PHE A 215 3.78 -9.58 -16.75
N LEU A 216 2.74 -8.80 -17.01
CA LEU A 216 1.36 -9.23 -16.84
C LEU A 216 0.73 -9.78 -18.11
N ASN A 217 1.46 -9.81 -19.23
CA ASN A 217 0.91 -10.31 -20.49
C ASN A 217 -0.31 -9.53 -20.96
N VAL A 218 -0.28 -8.21 -20.80
CA VAL A 218 -1.37 -7.37 -21.26
C VAL A 218 -0.81 -6.30 -22.18
N GLU A 219 -1.69 -5.75 -23.03
CA GLU A 219 -1.33 -4.67 -23.92
C GLU A 219 -1.15 -3.39 -23.11
N ILE A 220 -0.30 -2.51 -23.60
CA ILE A 220 -0.20 -1.20 -22.96
C ILE A 220 -1.49 -0.42 -23.20
N PRO A 221 -2.09 0.17 -22.17
CA PRO A 221 -3.37 0.87 -22.36
C PRO A 221 -3.26 1.96 -23.42
N ASN A 222 -4.21 1.96 -24.35
CA ASN A 222 -4.11 2.79 -25.54
C ASN A 222 -4.41 4.24 -25.17
N GLY A 223 -3.46 5.13 -25.42
CA GLY A 223 -3.67 6.55 -25.24
C GLY A 223 -3.73 7.04 -23.82
N ILE A 224 -3.36 6.20 -22.85
CA ILE A 224 -3.40 6.56 -21.43
C ILE A 224 -1.98 6.60 -20.92
N ASP A 225 -1.57 7.75 -20.37
CA ASP A 225 -0.23 7.85 -19.78
C ASP A 225 -0.19 7.09 -18.47
N TYR A 226 1.01 6.65 -18.10
CA TYR A 226 1.15 5.98 -16.82
C TYR A 226 0.88 6.99 -15.71
N PRO A 227 0.08 6.63 -14.70
CA PRO A 227 -0.32 7.59 -13.66
C PRO A 227 0.84 8.20 -12.89
N CAS A 228 0.71 9.48 -12.56
N CAS A 228 0.71 9.48 -12.55
CA CAS A 228 1.67 10.15 -11.71
CA CAS A 228 1.69 10.19 -11.74
CB CAS A 228 2.56 11.06 -12.55
CB CAS A 228 2.52 11.12 -12.64
C CAS A 228 0.83 10.96 -10.74
C CAS A 228 0.90 11.00 -10.70
O CAS A 228 0.36 12.07 -11.05
O CAS A 228 0.53 12.17 -10.96
SG CAS A 228 3.82 11.78 -11.45
SG CAS A 228 4.07 11.64 -11.84
AS CAS A 228 3.19 13.87 -10.85
AS CAS A 228 5.55 12.40 -13.36
CE1 CAS A 228 2.33 13.80 -9.08
CE1 CAS A 228 4.77 12.24 -15.14
CE2 CAS A 228 4.80 14.98 -10.67
CE2 CAS A 228 5.94 14.29 -12.98
N VAL A 229 0.72 10.47 -9.61
CA VAL A 229 -0.21 11.03 -8.58
C VAL A 229 0.36 10.84 -7.17
N ASN A 230 -0.17 11.58 -6.19
CA ASN A 230 0.19 11.40 -4.76
C ASN A 230 1.57 11.98 -4.42
N SER A 231 1.99 13.05 -5.11
CA SER A 231 3.26 13.73 -4.73
C SER A 231 3.08 14.33 -3.34
N HIS A 232 4.17 14.49 -2.60
CA HIS A 232 4.01 15.15 -1.30
C HIS A 232 3.48 16.57 -1.46
N HIS A 233 3.81 17.24 -2.55
CA HIS A 233 3.26 18.57 -2.78
C HIS A 233 1.75 18.52 -2.91
N GLN A 234 1.24 17.49 -3.60
CA GLN A 234 -0.19 17.35 -3.77
C GLN A 234 -0.88 16.98 -2.46
N MET A 235 -0.21 16.18 -1.63
CA MET A 235 -0.77 15.81 -0.33
C MET A 235 -0.79 17.02 0.60
N THR A 236 0.23 17.88 0.51
CA THR A 236 0.22 19.11 1.32
C THR A 236 -0.95 19.99 0.92
N GLN A 237 -1.19 20.15 -0.38
CA GLN A 237 -2.35 20.90 -0.86
C GLN A 237 -3.65 20.29 -0.36
N LEU A 238 -3.78 18.97 -0.42
CA LEU A 238 -5.01 18.32 0.05
C LEU A 238 -5.25 18.60 1.52
N THR A 239 -4.22 18.46 2.35
CA THR A 239 -4.37 18.73 3.78
C THR A 239 -4.81 20.17 4.01
N GLU A 240 -4.18 21.12 3.33
CA GLU A 240 -4.53 22.52 3.52
C GLU A 240 -5.96 22.79 3.06
N GLN A 241 -6.39 22.13 1.99
CA GLN A 241 -7.75 22.38 1.50
C GLN A 241 -8.80 21.72 2.41
N LEU A 242 -8.49 20.56 2.99
CA LEU A 242 -9.38 19.94 3.97
C LEU A 242 -9.52 20.84 5.20
N ILE A 243 -8.43 21.46 5.64
CA ILE A 243 -8.48 22.38 6.77
C ILE A 243 -9.33 23.60 6.45
N LYS A 244 -9.14 24.15 5.24
CA LYS A 244 -9.83 25.37 4.85
C LYS A 244 -11.33 25.15 4.70
N TYR A 245 -11.74 24.07 4.04
CA TYR A 245 -13.14 23.86 3.71
C TYR A 245 -13.89 22.97 4.70
N LYS A 246 -13.18 22.18 5.50
CA LYS A 246 -13.74 21.33 6.55
C LYS A 246 -14.63 20.20 6.03
N SER A 247 -14.47 19.83 4.76
CA SER A 247 -15.15 18.65 4.26
C SER A 247 -14.43 18.15 3.02
N LEU A 248 -14.48 16.83 2.82
CA LEU A 248 -13.95 16.23 1.61
C LEU A 248 -14.79 16.60 0.40
N ASP A 249 -16.12 16.51 0.55
CA ASP A 249 -17.02 16.72 -0.58
C ASP A 249 -16.96 18.13 -1.14
N ALA A 250 -16.52 19.11 -0.35
CA ALA A 250 -16.41 20.47 -0.88
C ALA A 250 -15.22 20.65 -1.79
N ILE A 251 -14.22 19.77 -1.74
CA ILE A 251 -12.99 19.94 -2.49
C ILE A 251 -12.70 18.79 -3.43
N ILE A 252 -13.53 17.74 -3.43
CA ILE A 252 -13.18 16.51 -4.13
C ILE A 252 -13.01 16.73 -5.63
N HIS A 253 -13.74 17.69 -6.21
CA HIS A 253 -13.60 17.95 -7.64
C HIS A 253 -12.27 18.59 -7.99
N MET A 254 -11.57 19.18 -7.02
CA MET A 254 -10.24 19.74 -7.19
C MET A 254 -9.14 18.68 -7.25
N PHE A 255 -9.46 17.45 -6.85
CA PHE A 255 -8.46 16.36 -6.83
C PHE A 255 -9.02 15.20 -7.65
N PRO A 256 -8.87 15.22 -8.99
CA PRO A 256 -9.51 14.22 -9.85
C PRO A 256 -9.08 12.75 -9.71
N ASP A 257 -7.79 12.45 -9.69
CA ASP A 257 -7.37 11.01 -9.68
C ASP A 257 -7.11 10.55 -8.25
N LEU A 258 -7.94 10.97 -7.29
CA LEU A 258 -7.76 10.59 -5.86
C LEU A 258 -8.48 9.28 -5.59
C1 ULX B . -0.12 7.68 1.65
C10 ULX B . -0.47 12.06 11.69
C11 ULX B . -1.79 9.47 6.76
C12 ULX B . 0.17 10.45 13.10
C13 ULX B . -5.42 12.30 2.07
C14 ULX B . -1.38 8.49 7.83
C15 ULX B . -1.71 9.22 9.12
C16 ULX B . 0.33 9.93 11.73
C17 ULX B . -1.59 10.85 7.38
C18 ULX B . 0.51 9.61 14.17
C19 ULX B . 0.99 8.33 13.90
C2 ULX B . 0.09 6.31 1.52
C20 ULX B . 1.13 7.85 12.60
C21 ULX B . 0.81 8.65 11.50
C22 ULX B . -3.23 9.19 6.39
C23 ULX B . -3.79 10.00 5.24
C24 ULX B . -4.29 11.26 5.47
C25 ULX B . -4.82 12.01 4.44
C26 ULX B . -4.84 11.47 3.17
C27 ULX B . -4.35 10.20 2.91
C28 ULX B . -3.82 9.46 3.95
C3 ULX B . -0.10 5.48 2.61
C30 ULX B . -0.88 9.25 5.54
C4 ULX B . -0.47 6.00 3.84
C5 ULX B . -0.68 7.36 3.98
C6 ULX B . -0.51 8.21 2.88
C7 ULX B . 0.50 5.71 0.21
C8 ULX B . -0.14 11.02 9.32
C9 ULX B . -0.10 11.02 10.83
F14 ULX B . -4.87 11.95 0.92
F15 ULX B . -6.72 12.11 2.00
F16 ULX B . -5.16 13.56 2.36
N11 ULX B . -0.31 11.70 13.00
N12 ULX B . -1.06 7.86 5.18
N16 ULX B . -1.49 10.64 8.84
N17 ULX B . -0.65 5.14 4.93
O10 ULX B . -0.48 3.77 4.75
O11 ULX B . -0.99 5.64 6.19
O9 ULX B . -0.13 6.41 -0.87
P1 A3P C . 7.14 12.36 -3.60
O1P A3P C . 8.62 12.31 -3.42
O2P A3P C . 6.35 12.48 -2.34
O3P A3P C . 6.67 13.32 -4.65
P2 A3P C . 2.71 6.57 -2.82
O4P A3P C . 3.21 5.19 -2.52
O5P A3P C . 1.58 6.66 -3.79
O6P A3P C . 2.47 7.39 -1.58
O5' A3P C . 3.96 7.24 -3.57
C5' A3P C . 3.97 8.62 -3.92
C4' A3P C . 5.38 9.02 -4.33
O4' A3P C . 5.72 8.41 -5.58
C3' A3P C . 5.48 10.51 -4.55
O3' A3P C . 6.79 10.90 -4.19
C2' A3P C . 5.21 10.64 -6.03
O2' A3P C . 5.71 11.84 -6.61
C1' A3P C . 5.93 9.42 -6.56
N9 A3P C . 5.39 9.02 -7.87
C8 A3P C . 4.16 8.54 -8.09
N7 A3P C . 3.97 8.27 -9.40
C5 A3P C . 5.10 8.58 -10.04
C6 A3P C . 5.57 8.53 -11.44
N6 A3P C . 4.76 8.09 -12.43
N1 A3P C . 6.81 8.95 -11.70
C2 A3P C . 7.62 9.41 -10.72
N3 A3P C . 7.26 9.47 -9.42
C4 A3P C . 6.03 9.08 -9.03
#